data_9E9G
#
_entry.id   9E9G
#
_cell.length_a   56.042
_cell.length_b   128.387
_cell.length_c   29.654
_cell.angle_alpha   90.000
_cell.angle_beta   90.000
_cell.angle_gamma   90.000
#
_symmetry.space_group_name_H-M   'P 21 21 2'
#
loop_
_entity.id
_entity.type
_entity.pdbx_description
1 polymer 'TGF-beta receptor type-2'
2 polymer 'Transforming growth factor beta mimic 6'
3 non-polymer GLYCEROL
4 non-polymer 'CHLORIDE ION'
5 non-polymer 'SODIUM ION'
6 non-polymer 'CACODYLATE ION'
7 water water
#
loop_
_entity_poly.entity_id
_entity_poly.type
_entity_poly.pdbx_seq_one_letter_code
_entity_poly.pdbx_strand_id
1 'polypeptide(L)'
;MVTDNNGAVKFPQLCKFCDVRFSTCDNQKSCMSNCSITSICEKPQEVCVAVWRKNDENITLETVCHDPKLPYHDFILEDA
ASPKCIMKEKKKPGETFFMCSCSSDECNDNIIFSEEYN
;
A
2 'polypeptide(L)'
;GSGTGSSCPPLPDDETVWYEYYGYVDGRHTVGDAAIKDSLENYPPNTHARRHCKALSKKADPGEFVAICYQRRGTSESQW
QYYPRIASCPDP
;
B
#
# COMPACT_ATOMS: atom_id res chain seq x y z
N VAL A 9 -4.14 8.40 -16.86
CA VAL A 9 -3.54 7.09 -16.63
C VAL A 9 -3.63 6.72 -15.16
N LYS A 10 -3.78 5.42 -14.91
CA LYS A 10 -3.84 4.90 -13.55
C LYS A 10 -2.45 4.97 -12.91
N PHE A 11 -2.33 5.71 -11.79
CA PHE A 11 -1.24 5.71 -10.82
C PHE A 11 -1.54 4.67 -9.75
N PRO A 12 -0.53 4.13 -9.07
CA PRO A 12 -0.82 3.27 -7.92
C PRO A 12 -1.45 4.09 -6.80
N GLN A 13 -2.26 3.43 -6.00
CA GLN A 13 -2.90 4.08 -4.87
C GLN A 13 -2.21 3.68 -3.57
N LEU A 14 -2.68 4.26 -2.48
CA LEU A 14 -2.17 3.95 -1.15
C LEU A 14 -3.06 2.93 -0.46
N CYS A 15 -2.43 1.98 0.24
CA CYS A 15 -3.17 1.00 1.03
C CYS A 15 -2.41 0.74 2.33
N LYS A 16 -3.16 0.39 3.37
CA LYS A 16 -2.52 -0.23 4.52
C LYS A 16 -1.95 -1.56 4.06
N PHE A 17 -0.72 -1.88 4.50
CA PHE A 17 -0.04 -3.06 3.96
C PHE A 17 0.86 -3.65 5.06
N CYS A 18 0.21 -4.19 6.09
CA CYS A 18 0.90 -4.88 7.18
C CYS A 18 0.95 -6.38 7.01
N ASP A 19 0.44 -6.92 5.90
CA ASP A 19 0.35 -8.38 5.75
C ASP A 19 -0.50 -8.92 6.91
N VAL A 20 -0.20 -10.11 7.43
CA VAL A 20 -1.05 -10.74 8.43
C VAL A 20 -0.58 -10.36 9.82
N ARG A 21 -1.47 -9.79 10.63
CA ARG A 21 -1.18 -9.41 12.00
C ARG A 21 -2.21 -10.03 12.93
N PHE A 22 -1.80 -10.36 14.15
CA PHE A 22 -2.79 -10.70 15.16
C PHE A 22 -3.62 -9.45 15.49
N SER A 23 -4.91 -9.66 15.76
CA SER A 23 -5.84 -8.55 15.91
C SER A 23 -6.70 -8.75 17.15
N THR A 24 -7.10 -7.63 17.75
CA THR A 24 -8.07 -7.63 18.84
C THR A 24 -9.44 -7.19 18.38
N CYS A 25 -9.60 -6.94 17.08
CA CYS A 25 -10.90 -6.62 16.52
C CYS A 25 -11.85 -7.82 16.67
N ASP A 26 -12.91 -7.65 17.45
CA ASP A 26 -13.91 -8.70 17.60
C ASP A 26 -15.18 -8.10 18.18
N ASN A 27 -16.33 -8.59 17.73
CA ASN A 27 -17.63 -8.19 18.27
C ASN A 27 -17.90 -6.71 18.07
N GLN A 28 -17.43 -6.15 16.96
CA GLN A 28 -17.61 -4.74 16.68
C GLN A 28 -18.27 -4.54 15.31
N LYS A 29 -18.96 -3.42 15.17
CA LYS A 29 -19.52 -3.04 13.88
C LYS A 29 -18.47 -2.53 12.92
N SER A 30 -17.35 -2.04 13.43
CA SER A 30 -16.24 -1.56 12.62
C SER A 30 -14.96 -1.63 13.45
N CYS A 31 -13.83 -1.67 12.76
CA CYS A 31 -12.54 -1.68 13.43
C CYS A 31 -11.55 -0.87 12.61
N MET A 32 -10.61 -0.21 13.30
CA MET A 32 -9.46 0.35 12.59
C MET A 32 -8.42 -0.74 12.45
N SER A 33 -7.65 -0.66 11.37
CA SER A 33 -6.68 -1.71 11.11
C SER A 33 -5.60 -1.80 12.17
N ASN A 34 -5.28 -0.66 12.80
CA ASN A 34 -4.13 -0.57 13.71
C ASN A 34 -2.83 -0.92 13.00
N CYS A 35 -2.80 -0.71 11.70
CA CYS A 35 -1.63 -0.98 10.86
C CYS A 35 -0.88 0.33 10.64
N SER A 36 0.39 0.35 11.05
CA SER A 36 1.21 1.56 10.95
C SER A 36 1.93 1.71 9.61
N ILE A 37 1.70 0.79 8.66
CA ILE A 37 2.39 0.80 7.38
C ILE A 37 1.39 1.16 6.30
N THR A 38 1.56 2.33 5.69
CA THR A 38 0.88 2.68 4.45
C THR A 38 1.89 2.56 3.32
N SER A 39 1.51 1.88 2.25
CA SER A 39 2.39 1.68 1.12
C SER A 39 1.68 2.08 -0.16
N ILE A 40 2.47 2.50 -1.16
CA ILE A 40 1.97 2.58 -2.55
CA ILE A 40 1.94 2.58 -2.51
C ILE A 40 2.00 1.18 -3.13
N CYS A 41 0.92 0.77 -3.77
CA CYS A 41 0.91 -0.55 -4.38
C CYS A 41 1.94 -0.63 -5.49
N GLU A 42 2.50 -1.82 -5.69
CA GLU A 42 3.48 -2.01 -6.75
C GLU A 42 2.87 -1.77 -8.13
N LYS A 43 1.63 -2.19 -8.34
CA LYS A 43 1.03 -2.10 -9.66
C LYS A 43 -0.13 -1.10 -9.67
N PRO A 44 -0.24 -0.28 -10.71
CA PRO A 44 -1.33 0.68 -10.78
C PRO A 44 -2.74 0.12 -10.61
N GLN A 45 -2.92 -1.11 -11.09
CA GLN A 45 -4.24 -1.73 -11.08
C GLN A 45 -4.60 -2.35 -9.75
N GLU A 46 -3.67 -2.43 -8.80
CA GLU A 46 -3.99 -3.07 -7.54
C GLU A 46 -4.91 -2.19 -6.68
N VAL A 47 -5.74 -2.85 -5.87
CA VAL A 47 -6.65 -2.20 -4.93
C VAL A 47 -6.30 -2.68 -3.52
N CYS A 48 -6.93 -2.08 -2.52
CA CYS A 48 -6.68 -2.46 -1.14
C CYS A 48 -7.58 -3.62 -0.73
N VAL A 49 -7.07 -4.44 0.20
CA VAL A 49 -7.78 -5.60 0.71
C VAL A 49 -7.61 -5.67 2.22
N ALA A 50 -8.68 -6.07 2.93
CA ALA A 50 -8.57 -6.45 4.33
C ALA A 50 -9.26 -7.81 4.50
N VAL A 51 -8.62 -8.68 5.28
CA VAL A 51 -9.12 -10.02 5.54
C VAL A 51 -9.09 -10.27 7.04
N TRP A 52 -10.26 -10.56 7.63
CA TRP A 52 -10.36 -10.84 9.06
C TRP A 52 -10.75 -12.29 9.23
N ARG A 53 -10.02 -12.97 10.10
CA ARG A 53 -10.22 -14.40 10.31
C ARG A 53 -10.14 -14.71 11.79
N LYS A 54 -11.10 -15.50 12.24
CA LYS A 54 -11.13 -15.90 13.66
C LYS A 54 -11.34 -17.40 13.73
N ASN A 55 -10.51 -18.08 14.52
CA ASN A 55 -10.71 -19.54 14.74
C ASN A 55 -10.61 -19.77 16.25
N ASP A 56 -10.58 -21.03 16.68
CA ASP A 56 -10.58 -21.32 18.10
C ASP A 56 -9.33 -20.81 18.80
N GLU A 57 -8.28 -20.43 18.07
CA GLU A 57 -7.02 -20.06 18.66
C GLU A 57 -6.64 -18.59 18.54
N ASN A 58 -6.97 -17.93 17.42
CA ASN A 58 -6.44 -16.59 17.17
CA ASN A 58 -6.43 -16.60 17.15
C ASN A 58 -7.42 -15.82 16.30
N ILE A 59 -7.22 -14.49 16.29
CA ILE A 59 -7.87 -13.59 15.35
C ILE A 59 -6.74 -12.89 14.59
N THR A 60 -6.85 -12.84 13.26
CA THR A 60 -5.88 -12.12 12.44
C THR A 60 -6.59 -11.13 11.53
N LEU A 61 -5.87 -10.06 11.21
CA LEU A 61 -6.29 -9.09 10.21
C LEU A 61 -5.14 -8.94 9.22
N GLU A 62 -5.43 -9.13 7.95
CA GLU A 62 -4.46 -9.02 6.88
C GLU A 62 -4.79 -7.79 6.05
N THR A 63 -3.77 -6.97 5.78
CA THR A 63 -3.93 -5.78 4.95
C THR A 63 -2.89 -5.83 3.83
N VAL A 64 -3.34 -5.79 2.58
CA VAL A 64 -2.46 -5.87 1.42
C VAL A 64 -3.03 -5.05 0.27
N CYS A 65 -2.21 -4.86 -0.77
CA CYS A 65 -2.66 -4.53 -2.11
C CYS A 65 -2.84 -5.82 -2.90
N HIS A 66 -3.77 -5.81 -3.85
CA HIS A 66 -3.98 -7.00 -4.68
C HIS A 66 -4.68 -6.62 -5.98
N ASP A 67 -4.28 -7.29 -7.06
CA ASP A 67 -4.89 -7.05 -8.37
C ASP A 67 -6.26 -7.74 -8.42
N PRO A 68 -7.36 -7.00 -8.57
CA PRO A 68 -8.69 -7.62 -8.54
C PRO A 68 -9.01 -8.46 -9.75
N LYS A 69 -8.13 -8.54 -10.75
CA LYS A 69 -8.33 -9.52 -11.81
C LYS A 69 -8.04 -10.94 -11.34
N LEU A 70 -7.40 -11.12 -10.18
CA LEU A 70 -7.02 -12.40 -9.61
C LEU A 70 -7.80 -12.68 -8.34
N PRO A 71 -8.21 -13.92 -8.10
CA PRO A 71 -8.83 -14.25 -6.82
C PRO A 71 -7.85 -14.02 -5.67
N TYR A 72 -8.40 -13.83 -4.48
CA TYR A 72 -7.61 -13.72 -3.26
C TYR A 72 -8.27 -14.60 -2.21
N HIS A 73 -7.51 -15.54 -1.63
CA HIS A 73 -8.07 -16.51 -0.68
C HIS A 73 -9.26 -17.23 -1.29
N ASP A 74 -9.20 -17.47 -2.61
CA ASP A 74 -10.19 -18.26 -3.32
C ASP A 74 -11.51 -17.52 -3.54
N PHE A 75 -11.49 -16.18 -3.46
CA PHE A 75 -12.66 -15.37 -3.75
C PHE A 75 -12.34 -14.23 -4.70
N ILE A 76 -13.32 -13.84 -5.51
CA ILE A 76 -13.18 -12.71 -6.42
C ILE A 76 -13.50 -11.42 -5.68
N LEU A 77 -12.70 -10.38 -5.93
CA LEU A 77 -12.86 -9.08 -5.28
C LEU A 77 -13.91 -8.28 -6.05
N GLU A 78 -15.16 -8.71 -5.91
CA GLU A 78 -16.28 -8.10 -6.64
C GLU A 78 -16.58 -6.68 -6.19
N ASP A 79 -16.09 -6.28 -5.02
CA ASP A 79 -16.32 -4.98 -4.43
C ASP A 79 -15.17 -3.99 -4.66
N ALA A 80 -14.24 -4.31 -5.58
CA ALA A 80 -13.01 -3.53 -5.71
C ALA A 80 -13.28 -2.07 -6.07
N ALA A 81 -14.38 -1.77 -6.76
CA ALA A 81 -14.68 -0.39 -7.13
C ALA A 81 -15.26 0.42 -5.98
N SER A 82 -15.54 -0.18 -4.85
CA SER A 82 -16.08 0.57 -3.72
C SER A 82 -15.00 1.47 -3.14
N PRO A 83 -15.36 2.69 -2.71
CA PRO A 83 -14.39 3.52 -1.98
C PRO A 83 -14.16 3.10 -0.55
N LYS A 84 -15.05 2.29 0.03
CA LYS A 84 -14.97 1.90 1.42
C LYS A 84 -14.86 0.38 1.52
N CYS A 85 -14.24 -0.06 2.62
CA CYS A 85 -14.03 -1.49 2.88
CA CYS A 85 -14.04 -1.49 2.87
C CYS A 85 -15.22 -2.00 3.68
N ILE A 86 -16.15 -2.67 3.00
CA ILE A 86 -17.32 -3.25 3.63
C ILE A 86 -17.08 -4.76 3.67
N MET A 87 -16.83 -5.29 4.87
CA MET A 87 -16.53 -6.71 5.03
CA MET A 87 -16.51 -6.69 4.98
C MET A 87 -17.73 -7.55 4.64
N LYS A 88 -17.46 -8.65 3.96
CA LYS A 88 -18.48 -9.62 3.61
C LYS A 88 -18.00 -10.99 4.07
N GLU A 89 -18.91 -11.74 4.68
CA GLU A 89 -18.56 -13.03 5.23
C GLU A 89 -18.50 -14.07 4.13
N LYS A 90 -17.51 -14.95 4.23
CA LYS A 90 -17.40 -16.13 3.38
C LYS A 90 -17.51 -17.35 4.27
N LYS A 91 -18.31 -18.34 3.86
CA LYS A 91 -18.44 -19.55 4.65
C LYS A 91 -17.21 -20.43 4.42
N LYS A 92 -16.59 -20.84 5.53
CA LYS A 92 -15.32 -21.54 5.56
C LYS A 92 -15.42 -22.50 6.73
N PRO A 93 -14.96 -23.73 6.57
CA PRO A 93 -14.92 -24.63 7.72
C PRO A 93 -13.82 -24.22 8.68
N GLY A 94 -14.12 -24.33 9.97
CA GLY A 94 -13.11 -24.18 10.98
C GLY A 94 -12.72 -22.76 11.31
N GLU A 95 -13.34 -21.77 10.69
CA GLU A 95 -13.05 -20.38 11.02
C GLU A 95 -14.22 -19.53 10.59
N THR A 96 -14.25 -18.29 11.12
CA THR A 96 -15.10 -17.24 10.61
C THR A 96 -14.20 -16.33 9.76
N PHE A 97 -14.66 -15.97 8.57
CA PHE A 97 -13.83 -15.33 7.55
C PHE A 97 -14.61 -14.18 6.93
N PHE A 98 -14.04 -12.99 6.95
CA PHE A 98 -14.62 -11.80 6.32
C PHE A 98 -13.55 -11.15 5.46
N MET A 99 -13.97 -10.58 4.32
CA MET A 99 -13.02 -9.91 3.43
C MET A 99 -13.69 -8.71 2.75
N CYS A 100 -12.87 -7.71 2.43
CA CYS A 100 -13.30 -6.52 1.69
CA CYS A 100 -13.32 -6.56 1.65
C CYS A 100 -12.18 -6.09 0.75
N SER A 101 -12.55 -5.43 -0.34
CA SER A 101 -11.59 -4.69 -1.17
C SER A 101 -12.20 -3.28 -1.42
N CYS A 102 -11.33 -2.38 -1.83
CA CYS A 102 -11.72 -1.01 -1.98
C CYS A 102 -10.61 -0.26 -2.71
N SER A 103 -10.98 0.87 -3.31
CA SER A 103 -10.07 1.55 -4.22
C SER A 103 -10.00 3.06 -3.97
N SER A 104 -10.00 3.45 -2.70
CA SER A 104 -9.59 4.78 -2.31
C SER A 104 -8.42 4.71 -1.32
N ASP A 105 -7.66 5.79 -1.24
CA ASP A 105 -6.43 5.74 -0.47
C ASP A 105 -6.67 5.36 0.99
N GLU A 106 -5.92 4.34 1.42
CA GLU A 106 -5.96 3.82 2.78
C GLU A 106 -7.34 3.34 3.20
N CYS A 107 -8.14 2.92 2.25
CA CYS A 107 -9.52 2.55 2.54
C CYS A 107 -9.63 1.29 3.38
N ASN A 108 -8.61 0.44 3.35
CA ASN A 108 -8.60 -0.74 4.20
C ASN A 108 -8.15 -0.45 5.63
N ASP A 109 -8.03 0.83 6.00
CA ASP A 109 -7.79 1.20 7.39
C ASP A 109 -9.08 1.20 8.20
N ASN A 110 -10.22 1.50 7.58
CA ASN A 110 -11.50 1.64 8.27
C ASN A 110 -12.35 0.45 7.83
N ILE A 111 -12.36 -0.61 8.64
CA ILE A 111 -12.96 -1.87 8.24
C ILE A 111 -14.37 -1.96 8.81
N ILE A 112 -15.36 -2.04 7.92
CA ILE A 112 -16.76 -1.97 8.32
C ILE A 112 -17.42 -3.34 8.19
N PHE A 113 -17.92 -3.85 9.32
CA PHE A 113 -18.62 -5.13 9.33
C PHE A 113 -20.11 -4.95 9.25
N SER A 114 -20.64 -3.88 9.81
CA SER A 114 -22.09 -3.72 9.86
C SER A 114 -22.53 -2.75 8.80
N GLU A 115 -23.13 -3.32 7.77
CA GLU A 115 -24.15 -2.71 6.94
C GLU A 115 -24.68 -1.37 7.49
N GLU A 116 -24.99 -1.31 8.78
CA GLU A 116 -25.45 -0.06 9.40
C GLU A 116 -24.50 1.10 9.15
N TYR A 117 -23.19 0.85 9.15
CA TYR A 117 -22.21 1.91 9.01
C TYR A 117 -21.82 2.20 7.56
N ASN A 118 -22.66 1.78 6.61
CA ASN A 118 -22.54 1.92 5.13
C ASN A 118 -22.30 0.54 4.52
N SER B 6 3.90 22.22 -3.26
CA SER B 6 3.71 20.78 -3.16
C SER B 6 4.92 20.05 -3.76
N SER B 7 5.77 19.50 -2.88
CA SER B 7 7.03 18.90 -3.29
C SER B 7 7.53 17.99 -2.19
N CYS B 8 8.58 17.23 -2.51
CA CYS B 8 9.23 16.32 -1.57
C CYS B 8 10.72 16.63 -1.54
N PRO B 9 11.32 16.75 -0.37
CA PRO B 9 12.78 16.94 -0.29
C PRO B 9 13.50 15.67 -0.71
N PRO B 10 14.77 15.76 -1.09
CA PRO B 10 15.54 14.55 -1.35
C PRO B 10 15.53 13.64 -0.12
N LEU B 11 15.52 12.33 -0.36
CA LEU B 11 15.53 11.37 0.75
C LEU B 11 16.86 11.43 1.48
N PRO B 12 16.86 11.25 2.81
CA PRO B 12 18.14 11.12 3.52
C PRO B 12 18.81 9.83 3.12
N ASP B 13 20.14 9.83 3.09
CA ASP B 13 20.87 8.62 2.75
C ASP B 13 21.93 8.34 3.82
N ASP B 14 22.67 7.25 3.64
CA ASP B 14 23.69 6.87 4.62
C ASP B 14 24.69 5.93 3.95
N GLU B 15 25.53 5.28 4.75
CA GLU B 15 26.56 4.43 4.20
C GLU B 15 26.01 3.18 3.52
N THR B 16 24.71 2.90 3.63
CA THR B 16 24.13 1.74 2.99
C THR B 16 23.47 2.05 1.64
N VAL B 17 23.16 3.31 1.33
CA VAL B 17 22.24 3.57 0.24
C VAL B 17 22.45 4.96 -0.33
N TRP B 18 22.18 5.13 -1.63
CA TRP B 18 21.95 6.45 -2.21
C TRP B 18 20.83 6.33 -3.22
N TYR B 19 20.29 7.49 -3.65
CA TYR B 19 19.11 7.50 -4.49
C TYR B 19 19.33 8.34 -5.74
N GLU B 20 18.72 7.91 -6.85
CA GLU B 20 18.53 8.68 -8.05
C GLU B 20 17.02 8.96 -8.21
N TYR B 21 16.69 9.95 -9.05
CA TYR B 21 15.31 10.43 -9.14
C TYR B 21 14.92 10.58 -10.61
N TYR B 22 13.78 10.00 -10.97
CA TYR B 22 13.27 10.01 -12.32
C TYR B 22 11.77 10.26 -12.29
N GLY B 23 11.21 10.71 -13.40
CA GLY B 23 9.77 10.79 -13.49
C GLY B 23 9.14 9.40 -13.59
N TYR B 24 8.02 9.23 -12.88
CA TYR B 24 7.26 7.99 -12.99
C TYR B 24 6.72 7.85 -14.41
N VAL B 25 6.73 6.62 -14.94
CA VAL B 25 6.16 6.35 -16.29
C VAL B 25 4.91 5.49 -16.10
N ASP B 26 5.12 4.20 -15.83
CA ASP B 26 3.99 3.26 -15.65
C ASP B 26 4.59 1.98 -15.07
N GLY B 27 4.32 1.76 -13.80
CA GLY B 27 4.88 0.56 -13.17
C GLY B 27 6.14 0.86 -12.37
N ARG B 28 6.63 -0.18 -11.71
CA ARG B 28 7.79 -0.04 -10.85
C ARG B 28 9.11 -0.29 -11.56
N HIS B 29 9.09 -0.72 -12.82
CA HIS B 29 10.29 -1.04 -13.62
CA HIS B 29 10.33 -1.01 -13.56
C HIS B 29 10.75 0.10 -14.52
N THR B 30 9.84 0.70 -15.28
CA THR B 30 10.25 1.63 -16.33
C THR B 30 10.85 2.93 -15.79
N VAL B 31 12.05 3.26 -16.28
CA VAL B 31 12.76 4.46 -15.87
C VAL B 31 12.37 5.62 -16.78
N GLY B 32 11.92 6.73 -16.20
CA GLY B 32 11.56 7.92 -16.95
C GLY B 32 12.71 8.90 -17.10
N ASP B 33 12.36 10.15 -17.42
CA ASP B 33 13.40 11.18 -17.58
C ASP B 33 13.97 11.54 -16.21
N ALA B 34 15.24 11.96 -16.17
CA ALA B 34 15.79 12.52 -14.95
C ALA B 34 14.86 13.56 -14.35
N ALA B 35 14.62 13.46 -13.03
CA ALA B 35 13.77 14.42 -12.34
C ALA B 35 14.50 15.75 -12.13
N ILE B 36 13.72 16.83 -12.19
CA ILE B 36 14.26 18.18 -12.09
C ILE B 36 13.84 18.83 -10.78
N LYS B 37 14.83 19.32 -10.02
CA LYS B 37 14.58 19.97 -8.75
C LYS B 37 13.95 21.33 -8.99
N ASP B 38 13.17 21.79 -8.01
CA ASP B 38 12.61 23.13 -8.02
C ASP B 38 13.58 24.13 -7.38
N SER B 39 13.12 25.37 -7.18
CA SER B 39 13.95 26.45 -6.68
C SER B 39 14.43 26.23 -5.25
N LEU B 40 13.72 25.41 -4.46
CA LEU B 40 14.16 25.11 -3.10
C LEU B 40 14.91 23.77 -3.00
N GLU B 41 15.33 23.24 -4.17
CA GLU B 41 16.06 21.99 -4.29
C GLU B 41 15.18 20.82 -3.85
N ASN B 42 13.90 20.90 -4.21
CA ASN B 42 12.94 19.84 -3.91
C ASN B 42 12.40 19.20 -5.18
N TYR B 43 11.92 17.93 -5.05
CA TYR B 43 11.43 17.21 -6.21
C TYR B 43 9.92 17.32 -6.31
N PRO B 44 9.38 17.33 -7.53
CA PRO B 44 7.94 17.55 -7.72
C PRO B 44 7.15 16.28 -7.50
N PRO B 45 5.82 16.40 -7.35
CA PRO B 45 4.98 15.20 -7.30
C PRO B 45 5.22 14.32 -8.52
N ASN B 46 5.13 12.99 -8.29
CA ASN B 46 5.30 11.93 -9.29
C ASN B 46 6.76 11.60 -9.55
N THR B 47 7.66 12.19 -8.79
CA THR B 47 9.08 11.79 -8.86
C THR B 47 9.22 10.35 -8.33
N HIS B 48 10.04 9.52 -8.98
CA HIS B 48 10.21 8.12 -8.66
C HIS B 48 11.63 7.97 -8.13
N ALA B 49 11.78 7.50 -6.89
CA ALA B 49 13.10 7.41 -6.26
C ALA B 49 13.66 6.01 -6.48
N ARG B 50 14.86 5.93 -7.05
CA ARG B 50 15.54 4.69 -7.36
CA ARG B 50 15.52 4.68 -7.34
C ARG B 50 16.69 4.53 -6.39
N ARG B 51 16.71 3.45 -5.63
CA ARG B 51 17.76 3.29 -4.64
C ARG B 51 18.90 2.41 -5.15
N HIS B 52 20.10 2.69 -4.63
CA HIS B 52 21.30 1.91 -4.89
C HIS B 52 21.90 1.56 -3.54
N CYS B 53 22.01 0.27 -3.26
CA CYS B 53 22.65 -0.16 -2.03
C CYS B 53 24.17 -0.11 -2.21
N LYS B 54 24.84 0.56 -1.29
CA LYS B 54 26.28 0.78 -1.44
C LYS B 54 27.12 -0.48 -1.23
N ALA B 55 26.63 -1.50 -0.53
CA ALA B 55 27.40 -2.74 -0.40
C ALA B 55 27.53 -3.50 -1.71
N LEU B 56 26.53 -3.39 -2.60
CA LEU B 56 26.44 -4.21 -3.85
C LEU B 56 27.01 -3.49 -5.07
N ASP B 61 24.17 -4.43 -9.48
CA ASP B 61 22.72 -4.30 -9.32
C ASP B 61 22.29 -2.98 -9.95
N PRO B 62 21.23 -2.96 -10.75
CA PRO B 62 20.87 -1.72 -11.44
C PRO B 62 20.10 -0.71 -10.59
N GLY B 63 19.75 -1.05 -9.36
CA GLY B 63 18.88 -0.08 -8.73
C GLY B 63 17.42 -0.51 -8.81
N GLU B 64 16.66 -0.08 -7.81
CA GLU B 64 15.27 -0.49 -7.67
C GLU B 64 14.46 0.73 -7.22
N PHE B 65 13.33 0.97 -7.89
CA PHE B 65 12.44 2.04 -7.44
C PHE B 65 11.81 1.65 -6.11
N VAL B 66 11.79 2.59 -5.16
CA VAL B 66 11.29 2.32 -3.82
C VAL B 66 10.22 3.29 -3.35
N ALA B 67 10.06 4.44 -4.03
CA ALA B 67 9.14 5.44 -3.51
C ALA B 67 8.69 6.37 -4.63
N ILE B 68 7.54 7.02 -4.39
CA ILE B 68 6.97 8.03 -5.27
C ILE B 68 6.64 9.25 -4.43
N CYS B 69 6.96 10.44 -4.93
CA CYS B 69 6.54 11.67 -4.26
C CYS B 69 5.06 11.83 -4.56
N TYR B 70 4.20 11.51 -3.58
CA TYR B 70 2.79 11.26 -3.79
C TYR B 70 1.93 12.41 -3.29
N GLN B 71 1.14 12.98 -4.17
CA GLN B 71 0.24 14.08 -3.84
C GLN B 71 -1.14 13.54 -3.63
N ARG B 72 -1.71 13.84 -2.49
CA ARG B 72 -3.00 13.20 -2.18
C ARG B 72 -4.13 13.79 -3.04
N ARG B 73 -4.69 12.95 -3.91
CA ARG B 73 -5.95 13.13 -4.64
C ARG B 73 -6.24 14.52 -5.20
N GLY B 74 -6.70 15.44 -4.36
CA GLY B 74 -7.07 16.77 -4.78
C GLY B 74 -6.58 17.79 -3.78
N THR B 75 -5.45 17.47 -3.16
CA THR B 75 -4.87 18.23 -2.08
C THR B 75 -3.59 18.92 -2.57
N SER B 76 -2.98 19.67 -1.67
CA SER B 76 -1.67 20.29 -1.90
C SER B 76 -0.55 19.65 -1.08
N GLU B 77 -0.84 18.59 -0.37
CA GLU B 77 0.15 17.89 0.48
C GLU B 77 0.81 16.77 -0.32
N SER B 78 2.13 16.79 -0.39
CA SER B 78 2.89 15.71 -1.07
C SER B 78 3.89 15.14 -0.07
N GLN B 79 4.03 13.83 -0.05
CA GLN B 79 4.99 13.13 0.79
C GLN B 79 5.49 11.92 0.01
N TRP B 80 6.72 11.50 0.37
CA TRP B 80 7.23 10.24 -0.12
C TRP B 80 6.31 9.13 0.39
N GLN B 81 5.95 8.25 -0.53
CA GLN B 81 5.22 7.01 -0.17
C GLN B 81 6.02 5.85 -0.76
N TYR B 82 6.15 4.77 0.02
CA TYR B 82 7.04 3.68 -0.30
C TYR B 82 6.29 2.46 -0.80
N TYR B 83 6.93 1.74 -1.72
CA TYR B 83 6.37 0.46 -2.21
C TYR B 83 6.38 -0.54 -1.04
N PRO B 84 5.64 -1.64 -1.17
CA PRO B 84 5.51 -2.58 -0.06
C PRO B 84 6.75 -3.37 0.27
N ARG B 85 6.81 -3.76 1.55
CA ARG B 85 7.75 -4.76 2.03
C ARG B 85 9.21 -4.39 1.74
N ILE B 86 9.56 -3.12 1.89
CA ILE B 86 10.94 -2.74 1.61
C ILE B 86 11.85 -3.17 2.75
N ALA B 87 12.95 -3.82 2.40
CA ALA B 87 13.97 -4.22 3.35
C ALA B 87 15.16 -3.27 3.23
N SER B 88 15.84 -3.06 4.34
CA SER B 88 16.98 -2.17 4.34
CA SER B 88 16.98 -2.17 4.34
C SER B 88 18.10 -2.73 3.47
N CYS B 89 18.87 -1.82 2.86
CA CYS B 89 20.11 -2.23 2.21
C CYS B 89 21.06 -2.79 3.25
N PRO B 90 21.91 -3.74 2.87
CA PRO B 90 22.85 -4.32 3.83
C PRO B 90 23.96 -3.34 4.20
N ASP B 91 24.52 -3.53 5.38
CA ASP B 91 25.65 -2.71 5.79
C ASP B 91 26.87 -3.05 4.93
N PRO B 92 27.72 -2.06 4.63
CA PRO B 92 28.90 -2.28 3.80
C PRO B 92 29.98 -3.07 4.55
#